data_4EFI
#
_entry.id   4EFI
#
_cell.length_a   101.377
_cell.length_b   54.408
_cell.length_c   60.836
_cell.angle_alpha   90.000
_cell.angle_beta   103.770
_cell.angle_gamma   90.000
#
_symmetry.space_group_name_H-M   'C 1 2 1'
#
loop_
_entity.id
_entity.type
_entity.pdbx_description
1 polymer '3-oxoacyl-(Acyl-carrier protein) synthase'
2 non-polymer 'UNKNOWN LIGAND'
3 non-polymer 'CHLORIDE ION'
4 non-polymer 'FORMIC ACID'
5 water water
#
_entity_poly.entity_id   1
_entity_poly.type   'polypeptide(L)'
_entity_poly.pdbx_seq_one_letter_code
;MSSPDFSAGRELRTQGARIAGVVSCVPSKQVDNDYFVERFDASAVRDVVKMIGVNRRRWADAQTSAGDLCRKAGEKLLAG
LGWQADSIDALIFVSQTPNYRLPATAFVLQAELDLPASCLALDINLGCSGYPQALWLGMNLIQTGAAKRVLLAVGDTISK
MIDPTDRSTSLLFGDAGTMTALETSNGDAAAHFIIGADGKGARNLIVPSGGFKPYDAAADERMAGKSPECLFMDGGEIFN
FTLNAVPKLVSRTLDIAGRDKDSYDAFLFHQANLFMLKHLAKKAGLPAERVPVNIGEYGNTSCASIPLLITTELKDRLKE
ETLQLGMFGFGVGYSWASAALAVGPLNIVDTIET
;
_entity_poly.pdbx_strand_id   A
#
loop_
_chem_comp.id
_chem_comp.type
_chem_comp.name
_chem_comp.formula
CL non-polymer 'CHLORIDE ION' 'Cl -1'
FMT non-polymer 'FORMIC ACID' 'C H2 O2'
UNL non-polymer 'UNKNOWN LIGAND' ?
#
# COMPACT_ATOMS: atom_id res chain seq x y z
N PHE A 6 9.78 22.02 6.93
CA PHE A 6 9.49 20.60 6.74
C PHE A 6 9.20 19.87 8.07
N SER A 7 8.76 20.62 9.08
CA SER A 7 8.46 20.07 10.40
C SER A 7 7.52 18.86 10.34
N ALA A 8 6.66 18.82 9.33
CA ALA A 8 5.65 17.77 9.21
C ALA A 8 5.87 16.86 7.96
N GLY A 9 7.08 16.92 7.42
CA GLY A 9 7.48 16.05 6.33
C GLY A 9 8.15 16.84 5.23
N ARG A 10 9.03 16.17 4.50
CA ARG A 10 9.76 16.74 3.36
C ARG A 10 8.83 16.93 2.18
N GLU A 11 8.84 18.11 1.58
CA GLU A 11 8.02 18.43 0.41
C GLU A 11 8.84 18.30 -0.87
N LEU A 12 8.31 17.53 -1.81
CA LEU A 12 9.04 17.12 -3.01
C LEU A 12 8.16 17.33 -4.23
N ARG A 13 8.78 17.62 -5.36
CA ARG A 13 8.07 17.87 -6.61
C ARG A 13 8.80 17.15 -7.74
N THR A 14 8.06 16.45 -8.60
CA THR A 14 8.65 15.87 -9.79
C THR A 14 7.88 16.36 -11.02
N GLN A 15 8.52 16.26 -12.18
CA GLN A 15 7.87 16.47 -13.46
C GLN A 15 8.53 15.58 -14.49
N GLY A 16 7.84 15.32 -15.59
CA GLY A 16 8.42 14.53 -16.66
C GLY A 16 8.17 13.04 -16.57
N ALA A 17 7.27 12.61 -15.69
CA ALA A 17 6.94 11.21 -15.53
C ALA A 17 5.47 11.04 -15.24
N ARG A 18 4.88 9.94 -15.72
N ARG A 18 4.89 9.93 -15.68
CA ARG A 18 3.47 9.67 -15.51
CA ARG A 18 3.47 9.67 -15.47
C ARG A 18 3.26 8.21 -15.13
C ARG A 18 3.24 8.20 -15.16
N ILE A 19 2.17 7.94 -14.44
CA ILE A 19 1.69 6.58 -14.28
C ILE A 19 1.11 6.14 -15.62
N ALA A 20 1.58 4.98 -16.10
CA ALA A 20 1.15 4.44 -17.39
C ALA A 20 0.16 3.26 -17.26
N GLY A 21 0.06 2.64 -16.10
CA GLY A 21 -0.82 1.50 -15.90
C GLY A 21 -0.66 0.95 -14.51
N VAL A 22 -1.66 0.25 -14.00
CA VAL A 22 -1.60 -0.37 -12.67
C VAL A 22 -2.38 -1.69 -12.72
N VAL A 23 -1.77 -2.79 -12.29
CA VAL A 23 -2.49 -4.04 -12.13
C VAL A 23 -2.28 -4.57 -10.71
N SER A 24 -3.35 -5.11 -10.13
CA SER A 24 -3.29 -5.77 -8.82
C SER A 24 -3.57 -7.25 -9.02
N CYS A 25 -2.93 -8.08 -8.22
CA CYS A 25 -3.18 -9.52 -8.18
C CYS A 25 -3.42 -9.92 -6.73
N VAL A 26 -4.55 -10.56 -6.49
CA VAL A 26 -4.92 -11.05 -5.17
C VAL A 26 -5.00 -12.58 -5.16
N PRO A 27 -4.73 -13.22 -4.02
CA PRO A 27 -4.96 -14.66 -3.92
C PRO A 27 -6.40 -14.99 -4.27
N SER A 28 -6.59 -16.12 -4.94
CA SER A 28 -7.92 -16.61 -5.25
C SER A 28 -8.62 -17.16 -4.01
N LYS A 29 -7.87 -17.46 -2.95
CA LYS A 29 -8.46 -17.91 -1.70
C LYS A 29 -9.25 -16.80 -1.03
N GLN A 30 -10.57 -16.94 -0.94
N GLN A 30 -10.57 -16.93 -0.92
CA GLN A 30 -11.40 -16.00 -0.21
CA GLN A 30 -11.39 -15.91 -0.25
C GLN A 30 -11.62 -16.54 1.19
C GLN A 30 -11.84 -16.42 1.12
N VAL A 31 -11.56 -15.63 2.16
CA VAL A 31 -11.81 -15.99 3.54
C VAL A 31 -12.91 -15.02 4.03
N ASP A 32 -14.04 -15.60 4.42
N ASP A 32 -14.10 -15.54 4.33
CA ASP A 32 -15.18 -14.85 4.92
CA ASP A 32 -15.15 -14.68 4.86
C ASP A 32 -15.06 -14.71 6.42
C ASP A 32 -15.15 -14.77 6.39
N ASN A 33 -15.90 -13.87 7.03
CA ASN A 33 -15.87 -13.73 8.48
C ASN A 33 -16.31 -14.99 9.19
N ASP A 34 -17.09 -15.84 8.53
CA ASP A 34 -17.56 -17.09 9.15
C ASP A 34 -16.36 -17.86 9.66
N TYR A 35 -15.25 -17.79 8.92
CA TYR A 35 -14.04 -18.53 9.24
C TYR A 35 -13.66 -18.33 10.72
N PHE A 36 -13.91 -17.13 11.25
CA PHE A 36 -13.36 -16.74 12.56
C PHE A 36 -14.29 -16.97 13.75
N VAL A 37 -15.53 -17.35 13.49
CA VAL A 37 -16.53 -17.49 14.54
C VAL A 37 -16.26 -18.65 15.52
N GLU A 38 -15.58 -19.70 15.06
CA GLU A 38 -15.27 -20.82 15.96
C GLU A 38 -14.27 -20.40 17.04
N ARG A 39 -13.22 -19.69 16.63
CA ARG A 39 -12.15 -19.30 17.55
C ARG A 39 -12.56 -18.10 18.39
N PHE A 40 -13.22 -17.13 17.75
CA PHE A 40 -13.70 -15.96 18.44
C PHE A 40 -15.21 -16.03 18.51
N ASP A 41 -15.80 -15.40 19.51
CA ASP A 41 -17.26 -15.42 19.65
C ASP A 41 -17.90 -14.68 18.49
N ALA A 42 -19.02 -15.19 17.99
CA ALA A 42 -19.73 -14.55 16.89
C ALA A 42 -20.07 -13.09 17.18
N SER A 43 -20.51 -12.82 18.41
N SER A 43 -20.52 -12.81 18.40
CA SER A 43 -20.90 -11.46 18.79
CA SER A 43 -20.89 -11.44 18.78
C SER A 43 -19.72 -10.49 18.83
C SER A 43 -19.68 -10.51 18.72
N ALA A 44 -18.56 -10.97 19.25
CA ALA A 44 -17.36 -10.16 19.26
C ALA A 44 -16.87 -9.95 17.83
N VAL A 45 -16.92 -10.99 17.01
CA VAL A 45 -16.52 -10.85 15.62
C VAL A 45 -17.43 -9.84 14.93
N ARG A 46 -18.72 -9.92 15.21
CA ARG A 46 -19.68 -9.04 14.54
C ARG A 46 -19.40 -7.58 14.87
N ASP A 47 -19.15 -7.28 16.14
CA ASP A 47 -18.88 -5.92 16.56
C ASP A 47 -17.57 -5.36 15.99
N VAL A 48 -16.53 -6.19 15.95
CA VAL A 48 -15.24 -5.78 15.41
C VAL A 48 -15.30 -5.57 13.89
N VAL A 49 -15.96 -6.46 13.17
CA VAL A 49 -15.98 -6.30 11.72
CA VAL A 49 -16.07 -6.35 11.73
C VAL A 49 -16.86 -5.11 11.33
N LYS A 50 -17.86 -4.76 12.14
CA LYS A 50 -18.61 -3.54 11.89
C LYS A 50 -17.67 -2.34 11.90
N MET A 51 -16.83 -2.24 12.93
CA MET A 51 -15.89 -1.12 13.06
C MET A 51 -14.82 -1.12 11.99
N ILE A 52 -14.26 -2.28 11.67
CA ILE A 52 -13.16 -2.29 10.74
C ILE A 52 -13.65 -2.31 9.30
N GLY A 53 -14.89 -2.78 9.06
CA GLY A 53 -15.50 -2.70 7.76
C GLY A 53 -15.22 -3.86 6.79
N VAL A 54 -14.74 -4.94 7.33
N VAL A 54 -14.65 -4.96 7.30
CA VAL A 54 -14.41 -6.06 6.49
CA VAL A 54 -14.13 -6.10 6.49
C VAL A 54 -15.56 -7.05 6.45
C VAL A 54 -15.05 -7.35 6.45
N ASN A 55 -15.69 -7.64 5.29
CA ASN A 55 -16.60 -8.78 5.11
C ASN A 55 -15.85 -10.02 4.61
N ARG A 56 -14.89 -9.78 3.74
CA ARG A 56 -14.09 -10.81 3.10
C ARG A 56 -12.67 -10.30 2.95
N ARG A 57 -11.71 -11.20 2.80
CA ARG A 57 -10.35 -10.85 2.43
C ARG A 57 -9.70 -12.03 1.71
N ARG A 58 -8.61 -11.77 1.02
CA ARG A 58 -7.88 -12.85 0.34
C ARG A 58 -6.60 -13.20 1.07
N TRP A 59 -6.34 -14.49 1.26
CA TRP A 59 -5.14 -14.95 1.94
C TRP A 59 -4.31 -15.84 1.03
N ALA A 60 -3.02 -15.50 0.92
CA ALA A 60 -2.06 -16.28 0.16
C ALA A 60 -1.84 -17.65 0.78
N ASP A 61 -1.70 -18.67 -0.05
CA ASP A 61 -1.30 -19.97 0.48
C ASP A 61 0.21 -20.03 0.74
N ALA A 62 0.71 -21.12 1.29
CA ALA A 62 2.10 -21.18 1.71
C ALA A 62 3.10 -20.96 0.57
N GLN A 63 2.74 -21.41 -0.62
CA GLN A 63 3.64 -21.27 -1.76
C GLN A 63 3.54 -19.95 -2.50
N THR A 64 2.64 -19.06 -2.09
CA THR A 64 2.44 -17.77 -2.75
C THR A 64 2.99 -16.64 -1.90
N SER A 65 3.94 -15.90 -2.45
CA SER A 65 4.53 -14.77 -1.77
C SER A 65 4.07 -13.46 -2.39
N ALA A 66 4.43 -12.36 -1.73
CA ALA A 66 4.21 -11.02 -2.28
C ALA A 66 4.91 -10.88 -3.62
N GLY A 67 6.13 -11.41 -3.73
CA GLY A 67 6.84 -11.42 -4.99
C GLY A 67 6.06 -12.12 -6.08
N ASP A 68 5.44 -13.25 -5.74
CA ASP A 68 4.67 -13.99 -6.74
C ASP A 68 3.47 -13.16 -7.23
N LEU A 69 2.78 -12.53 -6.30
CA LEU A 69 1.61 -11.72 -6.63
C LEU A 69 2.02 -10.56 -7.50
N CYS A 70 3.12 -9.90 -7.15
CA CYS A 70 3.64 -8.83 -8.00
C CYS A 70 4.10 -9.32 -9.36
N ARG A 71 4.69 -10.50 -9.45
CA ARG A 71 5.11 -11.05 -10.75
C ARG A 71 3.89 -11.24 -11.65
N LYS A 72 2.82 -11.83 -11.13
CA LYS A 72 1.62 -12.07 -11.94
C LYS A 72 0.98 -10.75 -12.36
N ALA A 73 0.92 -9.78 -11.47
CA ALA A 73 0.41 -8.46 -11.81
C ALA A 73 1.28 -7.85 -12.90
N GLY A 74 2.60 -8.01 -12.76
CA GLY A 74 3.56 -7.47 -13.70
C GLY A 74 3.41 -8.05 -15.10
N GLU A 75 3.24 -9.36 -15.18
CA GLU A 75 3.01 -10.02 -16.48
C GLU A 75 1.79 -9.46 -17.16
N LYS A 76 0.71 -9.30 -16.42
CA LYS A 76 -0.52 -8.78 -16.99
C LYS A 76 -0.35 -7.32 -17.42
N LEU A 77 0.33 -6.54 -16.59
CA LEU A 77 0.58 -5.14 -16.89
C LEU A 77 1.42 -4.96 -18.17
N LEU A 78 2.52 -5.68 -18.24
CA LEU A 78 3.41 -5.58 -19.39
C LEU A 78 2.70 -6.03 -20.67
N ALA A 79 1.93 -7.11 -20.59
CA ALA A 79 1.18 -7.58 -21.75
C ALA A 79 0.18 -6.54 -22.19
N GLY A 80 -0.55 -5.95 -21.24
CA GLY A 80 -1.51 -4.92 -21.59
C GLY A 80 -0.91 -3.70 -22.23
N LEU A 81 0.19 -3.22 -21.68
CA LEU A 81 0.88 -2.06 -22.22
C LEU A 81 1.60 -2.36 -23.51
N GLY A 82 1.96 -3.62 -23.73
CA GLY A 82 2.79 -3.98 -24.87
C GLY A 82 4.23 -3.54 -24.70
N TRP A 83 4.69 -3.43 -23.47
CA TRP A 83 6.08 -3.08 -23.19
C TRP A 83 6.96 -4.32 -23.28
N GLN A 84 8.02 -4.26 -24.06
CA GLN A 84 8.97 -5.35 -24.13
C GLN A 84 9.84 -5.41 -22.89
N ALA A 85 10.21 -6.60 -22.47
CA ALA A 85 11.01 -6.75 -21.25
C ALA A 85 12.33 -5.98 -21.31
N ASP A 86 12.92 -5.88 -22.48
CA ASP A 86 14.20 -5.22 -22.63
C ASP A 86 14.14 -3.71 -22.44
N SER A 87 12.94 -3.17 -22.31
CA SER A 87 12.76 -1.73 -22.18
C SER A 87 12.63 -1.25 -20.72
N ILE A 88 12.65 -2.16 -19.76
CA ILE A 88 12.47 -1.77 -18.37
C ILE A 88 13.80 -1.37 -17.73
N ASP A 89 13.83 -0.15 -17.19
CA ASP A 89 15.07 0.43 -16.66
C ASP A 89 15.28 0.28 -15.15
N ALA A 90 14.20 0.11 -14.39
CA ALA A 90 14.33 -0.12 -12.96
C ALA A 90 13.11 -0.86 -12.45
N LEU A 91 13.31 -1.70 -11.46
CA LEU A 91 12.24 -2.35 -10.73
C LEU A 91 12.49 -2.13 -9.24
N ILE A 92 11.51 -1.53 -8.59
CA ILE A 92 11.55 -1.30 -7.15
C ILE A 92 10.51 -2.17 -6.50
N PHE A 93 10.93 -3.01 -5.55
CA PHE A 93 10.04 -3.90 -4.80
C PHE A 93 9.86 -3.38 -3.40
N VAL A 94 8.67 -2.88 -3.11
CA VAL A 94 8.32 -2.35 -1.80
C VAL A 94 7.44 -3.36 -1.11
N SER A 95 7.91 -3.88 0.02
CA SER A 95 7.24 -4.96 0.71
C SER A 95 7.86 -5.17 2.08
N GLN A 96 7.09 -5.74 2.99
CA GLN A 96 7.58 -6.17 4.29
C GLN A 96 7.70 -7.71 4.34
N THR A 97 7.36 -8.40 3.25
CA THR A 97 7.30 -9.85 3.24
C THR A 97 8.06 -10.44 2.05
N PRO A 98 9.36 -10.14 1.96
CA PRO A 98 10.18 -10.63 0.86
C PRO A 98 10.37 -12.16 0.87
N ASN A 99 10.80 -12.70 -0.26
CA ASN A 99 11.00 -14.15 -0.36
C ASN A 99 12.07 -14.66 0.59
N TYR A 100 13.22 -13.99 0.57
CA TYR A 100 14.43 -14.44 1.26
C TYR A 100 15.04 -13.32 2.07
N ARG A 101 15.84 -13.67 3.06
CA ARG A 101 16.67 -12.67 3.72
C ARG A 101 17.65 -12.09 2.71
N LEU A 102 18.14 -12.92 1.80
CA LEU A 102 19.00 -12.51 0.70
C LEU A 102 18.99 -13.68 -0.29
N PRO A 103 19.03 -13.41 -1.59
CA PRO A 103 19.04 -12.09 -2.20
C PRO A 103 17.70 -11.40 -2.15
N ALA A 104 17.70 -10.11 -2.47
CA ALA A 104 16.49 -9.33 -2.57
C ALA A 104 15.53 -9.89 -3.63
N THR A 105 14.25 -9.75 -3.37
CA THR A 105 13.21 -10.27 -4.26
C THR A 105 13.16 -9.51 -5.58
N ALA A 106 13.65 -8.26 -5.58
CA ALA A 106 13.73 -7.53 -6.85
C ALA A 106 14.57 -8.29 -7.86
N PHE A 107 15.59 -9.01 -7.42
CA PHE A 107 16.42 -9.79 -8.35
C PHE A 107 15.65 -10.97 -8.91
N VAL A 108 14.82 -11.58 -8.09
CA VAL A 108 13.97 -12.68 -8.55
C VAL A 108 12.99 -12.15 -9.60
N LEU A 109 12.37 -11.01 -9.32
CA LEU A 109 11.44 -10.41 -10.29
C LEU A 109 12.15 -10.02 -11.58
N GLN A 110 13.35 -9.46 -11.46
CA GLN A 110 14.12 -9.12 -12.65
CA GLN A 110 14.13 -9.11 -12.65
C GLN A 110 14.31 -10.34 -13.53
N ALA A 111 14.73 -11.45 -12.95
CA ALA A 111 14.94 -12.66 -13.72
C ALA A 111 13.63 -13.23 -14.25
N GLU A 112 12.60 -13.31 -13.42
CA GLU A 112 11.35 -13.98 -13.82
C GLU A 112 10.61 -13.20 -14.88
N LEU A 113 10.78 -11.88 -14.91
CA LEU A 113 10.17 -11.03 -15.94
C LEU A 113 11.09 -10.79 -17.13
N ASP A 114 12.28 -11.42 -17.14
CA ASP A 114 13.24 -11.31 -18.26
C ASP A 114 13.71 -9.88 -18.47
N LEU A 115 13.86 -9.10 -17.41
CA LEU A 115 14.35 -7.73 -17.52
C LEU A 115 15.85 -7.75 -17.74
N PRO A 116 16.40 -6.68 -18.33
CA PRO A 116 17.80 -6.72 -18.72
C PRO A 116 18.77 -6.47 -17.56
N ALA A 117 20.04 -6.74 -17.81
CA ALA A 117 21.08 -6.52 -16.82
C ALA A 117 21.21 -5.08 -16.39
N SER A 118 20.75 -4.16 -17.23
CA SER A 118 20.77 -2.74 -16.95
C SER A 118 19.57 -2.30 -16.13
N CYS A 119 18.69 -3.23 -15.78
CA CYS A 119 17.55 -2.88 -14.94
C CYS A 119 17.95 -2.80 -13.47
N LEU A 120 17.85 -1.63 -12.86
CA LEU A 120 18.11 -1.49 -11.44
C LEU A 120 17.15 -2.36 -10.66
N ALA A 121 17.61 -2.94 -9.56
CA ALA A 121 16.79 -3.85 -8.77
C ALA A 121 16.94 -3.50 -7.30
N LEU A 122 15.89 -2.92 -6.71
CA LEU A 122 15.98 -2.42 -5.33
C LEU A 122 14.81 -2.92 -4.51
N ASP A 123 15.07 -3.65 -3.43
CA ASP A 123 14.04 -3.97 -2.42
C ASP A 123 14.09 -2.86 -1.37
N ILE A 124 12.94 -2.26 -1.08
CA ILE A 124 12.81 -1.24 -0.04
C ILE A 124 11.74 -1.67 0.98
N ASN A 125 12.11 -1.66 2.25
CA ASN A 125 11.18 -2.07 3.32
C ASN A 125 10.35 -0.93 3.87
N LEU A 126 9.16 -0.80 3.32
CA LEU A 126 8.16 0.15 3.82
C LEU A 126 6.84 -0.56 3.87
N GLY A 127 5.96 -0.08 4.75
CA GLY A 127 4.64 -0.66 4.92
C GLY A 127 3.57 0.25 4.37
N CYS A 128 2.68 0.70 5.23
CA CYS A 128 1.49 1.38 4.75
CA CYS A 128 1.52 1.39 4.68
C CYS A 128 1.76 2.72 4.02
N SER A 129 2.87 3.38 4.33
CA SER A 129 3.22 4.68 3.77
C SER A 129 3.99 4.54 2.46
N GLY A 130 4.14 3.31 2.00
CA GLY A 130 5.08 3.00 0.93
C GLY A 130 4.69 3.39 -0.48
N TYR A 131 3.39 3.42 -0.80
CA TYR A 131 3.04 3.63 -2.21
C TYR A 131 3.41 5.04 -2.69
N PRO A 132 3.03 6.09 -1.94
CA PRO A 132 3.43 7.42 -2.45
C PRO A 132 4.94 7.59 -2.52
N GLN A 133 5.68 6.96 -1.61
CA GLN A 133 7.14 7.01 -1.66
C GLN A 133 7.71 6.30 -2.87
N ALA A 134 7.14 5.16 -3.22
CA ALA A 134 7.53 4.44 -4.43
C ALA A 134 7.28 5.27 -5.68
N LEU A 135 6.11 5.92 -5.73
CA LEU A 135 5.80 6.80 -6.86
C LEU A 135 6.82 7.91 -6.98
N TRP A 136 7.12 8.57 -5.86
CA TRP A 136 8.10 9.64 -5.87
C TRP A 136 9.48 9.14 -6.34
N LEU A 137 9.93 8.02 -5.78
CA LEU A 137 11.26 7.55 -6.12
C LEU A 137 11.34 7.20 -7.60
N GLY A 138 10.33 6.50 -8.08
CA GLY A 138 10.31 6.14 -9.49
C GLY A 138 10.26 7.32 -10.43
N MET A 139 9.44 8.31 -10.09
CA MET A 139 9.33 9.50 -10.91
C MET A 139 10.61 10.33 -10.86
N ASN A 140 11.28 10.35 -9.69
CA ASN A 140 12.58 11.00 -9.58
C ASN A 140 13.61 10.32 -10.50
N LEU A 141 13.60 8.99 -10.56
CA LEU A 141 14.54 8.28 -11.44
C LEU A 141 14.32 8.70 -12.91
N ILE A 142 13.07 8.84 -13.32
CA ILE A 142 12.75 9.21 -14.67
C ILE A 142 13.12 10.67 -14.93
N GLN A 143 12.75 11.57 -14.02
CA GLN A 143 13.07 12.98 -14.20
C GLN A 143 14.58 13.24 -14.34
N THR A 144 15.38 12.49 -13.57
CA THR A 144 16.84 12.66 -13.50
C THR A 144 17.58 11.90 -14.59
N GLY A 145 16.81 11.23 -15.45
CA GLY A 145 17.38 10.53 -16.59
C GLY A 145 18.03 9.19 -16.26
N ALA A 146 17.78 8.68 -15.07
CA ALA A 146 18.28 7.35 -14.71
C ALA A 146 17.43 6.24 -15.36
N ALA A 147 16.25 6.62 -15.86
CA ALA A 147 15.28 5.66 -16.40
C ALA A 147 14.29 6.34 -17.32
N LYS A 148 13.70 5.56 -18.22
CA LYS A 148 12.56 5.99 -19.03
C LYS A 148 11.31 5.20 -18.64
N ARG A 149 11.48 3.95 -18.23
CA ARG A 149 10.38 3.08 -17.80
C ARG A 149 10.77 2.40 -16.50
N VAL A 150 9.88 2.50 -15.51
CA VAL A 150 10.09 1.99 -14.16
C VAL A 150 8.89 1.14 -13.77
N LEU A 151 9.15 -0.02 -13.18
CA LEU A 151 8.12 -0.85 -12.56
C LEU A 151 8.21 -0.77 -11.05
N LEU A 152 7.07 -0.50 -10.42
CA LEU A 152 6.95 -0.51 -8.98
C LEU A 152 6.14 -1.71 -8.56
N ALA A 153 6.82 -2.65 -7.92
CA ALA A 153 6.20 -3.88 -7.43
C ALA A 153 5.93 -3.66 -5.95
N VAL A 154 4.67 -3.43 -5.58
CA VAL A 154 4.31 -3.03 -4.23
C VAL A 154 3.30 -4.05 -3.72
N GLY A 155 3.68 -4.82 -2.71
CA GLY A 155 2.82 -5.93 -2.30
C GLY A 155 3.21 -6.48 -0.96
N ASP A 156 2.31 -7.27 -0.37
CA ASP A 156 2.57 -7.87 0.93
C ASP A 156 1.68 -9.07 1.12
N THR A 157 2.14 -9.99 1.96
CA THR A 157 1.27 -11.06 2.47
C THR A 157 1.32 -10.99 4.00
N ILE A 158 0.73 -9.95 4.58
CA ILE A 158 0.77 -9.78 6.02
C ILE A 158 0.06 -10.91 6.73
N SER A 159 -0.84 -11.62 6.05
CA SER A 159 -1.50 -12.76 6.69
C SER A 159 -0.47 -13.76 7.27
N LYS A 160 0.72 -13.82 6.70
CA LYS A 160 1.73 -14.77 7.11
C LYS A 160 2.43 -14.39 8.43
N MET A 161 2.13 -13.23 8.99
N MET A 161 2.16 -13.17 8.89
CA MET A 161 2.78 -12.88 10.28
CA MET A 161 2.73 -12.66 10.14
C MET A 161 1.76 -12.64 11.38
C MET A 161 1.72 -12.42 11.25
N ILE A 162 0.51 -12.95 11.10
CA ILE A 162 -0.55 -12.74 12.08
C ILE A 162 -0.64 -13.89 13.07
N ASP A 163 -0.77 -13.55 14.34
CA ASP A 163 -1.03 -14.53 15.38
C ASP A 163 -2.50 -14.90 15.32
N PRO A 164 -2.82 -16.17 15.02
CA PRO A 164 -4.23 -16.55 14.85
C PRO A 164 -5.04 -16.43 16.13
N THR A 165 -4.40 -16.27 17.29
CA THR A 165 -5.15 -16.09 18.54
C THR A 165 -5.42 -14.61 18.83
N ASP A 166 -4.88 -13.71 18.02
CA ASP A 166 -5.13 -12.29 18.21
C ASP A 166 -6.28 -11.82 17.31
N ARG A 167 -7.37 -11.40 17.91
CA ARG A 167 -8.58 -11.08 17.17
C ARG A 167 -8.43 -9.83 16.30
N SER A 168 -7.79 -8.80 16.85
CA SER A 168 -7.71 -7.51 16.18
C SER A 168 -6.97 -7.61 14.86
N THR A 169 -5.85 -8.32 14.85
CA THR A 169 -5.05 -8.43 13.65
C THR A 169 -5.59 -9.53 12.73
N SER A 170 -6.10 -10.62 13.32
CA SER A 170 -6.60 -11.73 12.52
C SER A 170 -7.73 -11.35 11.59
N LEU A 171 -8.64 -10.50 12.06
CA LEU A 171 -9.79 -10.12 11.27
C LEU A 171 -9.51 -8.99 10.28
N LEU A 172 -8.38 -8.33 10.43
CA LEU A 172 -8.10 -7.10 9.72
C LEU A 172 -7.39 -7.23 8.38
N PHE A 173 -6.37 -8.08 8.33
CA PHE A 173 -5.43 -8.07 7.20
C PHE A 173 -5.77 -9.06 6.09
N GLY A 174 -5.59 -8.59 4.87
CA GLY A 174 -5.65 -9.42 3.68
C GLY A 174 -4.37 -9.25 2.88
N ASP A 175 -4.24 -10.01 1.81
CA ASP A 175 -3.03 -10.04 1.00
C ASP A 175 -3.28 -9.54 -0.43
N ALA A 176 -2.33 -8.79 -0.96
CA ALA A 176 -2.37 -8.37 -2.35
C ALA A 176 -0.98 -7.99 -2.85
N GLY A 177 -0.78 -8.07 -4.15
CA GLY A 177 0.44 -7.60 -4.79
C GLY A 177 0.07 -6.76 -6.00
N THR A 178 0.89 -5.77 -6.33
CA THR A 178 0.55 -4.86 -7.41
C THR A 178 1.79 -4.49 -8.20
N MET A 179 1.57 -4.13 -9.46
CA MET A 179 2.62 -3.57 -10.29
C MET A 179 2.11 -2.29 -10.94
N THR A 180 2.89 -1.22 -10.81
CA THR A 180 2.61 0.08 -11.40
C THR A 180 3.70 0.41 -12.39
N ALA A 181 3.32 0.86 -13.58
CA ALA A 181 4.26 1.27 -14.63
C ALA A 181 4.36 2.78 -14.62
N LEU A 182 5.59 3.27 -14.66
CA LEU A 182 5.87 4.69 -14.81
C LEU A 182 6.65 4.91 -16.10
N GLU A 183 6.39 6.01 -16.79
CA GLU A 183 7.08 6.32 -18.04
C GLU A 183 7.36 7.82 -18.16
N THR A 184 8.45 8.15 -18.82
N THR A 184 8.37 8.10 -19.00
CA THR A 184 8.74 9.51 -19.22
CA THR A 184 8.62 9.45 -19.44
C THR A 184 7.51 10.10 -19.94
C THR A 184 7.32 10.08 -19.88
N SER A 185 7.21 11.37 -19.63
CA SER A 185 6.09 12.12 -20.20
C SER A 185 6.57 13.51 -20.60
N ASN A 186 5.95 14.07 -21.63
CA ASN A 186 6.39 15.34 -22.20
C ASN A 186 5.68 16.60 -21.70
N GLY A 187 4.51 16.44 -21.09
CA GLY A 187 3.79 17.61 -20.61
C GLY A 187 4.53 18.38 -19.52
N ASP A 188 3.96 19.51 -19.12
CA ASP A 188 4.51 20.30 -18.01
C ASP A 188 3.84 19.96 -16.66
N ALA A 189 3.06 18.87 -16.61
CA ALA A 189 2.30 18.55 -15.40
C ALA A 189 3.26 18.17 -14.26
N ALA A 190 2.99 18.64 -13.05
CA ALA A 190 3.85 18.33 -11.90
C ALA A 190 3.16 17.39 -10.92
N ALA A 191 3.96 16.58 -10.23
CA ALA A 191 3.47 15.76 -9.13
C ALA A 191 4.09 16.27 -7.83
N HIS A 192 3.31 16.28 -6.76
CA HIS A 192 3.76 16.77 -5.47
C HIS A 192 3.65 15.67 -4.42
N PHE A 193 4.62 15.62 -3.52
CA PHE A 193 4.72 14.57 -2.51
C PHE A 193 5.18 15.17 -1.19
N ILE A 194 4.74 14.57 -0.10
CA ILE A 194 5.24 14.89 1.24
C ILE A 194 5.58 13.58 1.92
N ILE A 195 6.77 13.48 2.51
CA ILE A 195 7.21 12.24 3.15
C ILE A 195 7.77 12.53 4.53
N GLY A 196 7.21 11.90 5.56
CA GLY A 196 7.65 12.12 6.93
C GLY A 196 7.92 10.83 7.68
N ALA A 197 8.69 10.93 8.76
CA ALA A 197 9.12 9.77 9.54
C ALA A 197 9.17 10.13 11.01
N ASP A 198 8.77 9.20 11.88
CA ASP A 198 8.99 9.35 13.32
C ASP A 198 9.26 7.96 13.93
N GLY A 199 10.53 7.59 13.95
CA GLY A 199 10.95 6.30 14.48
C GLY A 199 10.68 6.07 15.95
N LYS A 200 10.27 7.09 16.71
CA LYS A 200 9.81 6.87 18.09
C LYS A 200 8.56 5.96 18.12
N GLY A 201 7.85 5.88 17.01
CA GLY A 201 6.71 4.96 16.90
C GLY A 201 7.03 3.51 16.58
N ALA A 202 8.31 3.17 16.45
CA ALA A 202 8.69 1.81 16.07
C ALA A 202 8.01 0.77 16.97
N ARG A 203 8.04 0.98 18.28
CA ARG A 203 7.54 -0.01 19.24
C ARG A 203 6.01 -0.15 19.22
N ASN A 204 5.31 0.68 18.44
CA ASN A 204 3.85 0.62 18.40
C ASN A 204 3.30 -0.19 17.21
N LEU A 205 4.17 -0.58 16.30
CA LEU A 205 3.78 -1.38 15.14
C LEU A 205 5.05 -2.09 14.69
N ILE A 206 5.16 -3.36 15.09
CA ILE A 206 6.42 -4.04 15.08
C ILE A 206 6.23 -5.57 15.07
N VAL A 207 7.15 -6.27 14.41
CA VAL A 207 7.29 -7.71 14.60
C VAL A 207 8.53 -7.91 15.52
N PRO A 208 8.33 -8.26 16.78
CA PRO A 208 9.46 -8.25 17.72
C PRO A 208 10.63 -9.15 17.33
N SER A 209 10.34 -10.38 16.89
CA SER A 209 11.35 -11.40 16.63
C SER A 209 11.25 -11.84 15.18
N GLY A 210 12.40 -12.14 14.58
CA GLY A 210 12.41 -12.57 13.20
C GLY A 210 13.50 -11.89 12.40
N GLY A 211 14.01 -10.78 12.93
CA GLY A 211 15.19 -10.13 12.36
C GLY A 211 16.41 -10.36 13.24
N PHE A 212 17.38 -9.46 13.19
CA PHE A 212 18.67 -9.71 13.82
C PHE A 212 18.86 -8.99 15.15
N LYS A 213 17.84 -8.22 15.52
N LYS A 213 17.84 -8.33 15.65
CA LYS A 213 17.69 -7.73 16.89
CA LYS A 213 17.92 -7.78 16.99
C LYS A 213 16.30 -8.07 17.42
C LYS A 213 16.56 -7.88 17.68
N PRO A 214 16.23 -9.06 18.28
CA PRO A 214 14.91 -9.29 18.86
C PRO A 214 14.55 -8.19 19.86
N TYR A 215 13.38 -7.59 19.67
CA TYR A 215 12.84 -6.64 20.63
C TYR A 215 12.59 -7.34 21.97
N ASP A 216 12.80 -6.62 23.08
CA ASP A 216 12.63 -7.19 24.42
C ASP A 216 11.14 -7.25 24.81
N ALA A 217 10.44 -8.21 24.22
CA ALA A 217 9.01 -8.35 24.42
C ALA A 217 8.67 -8.67 25.88
N ALA A 218 9.54 -9.44 26.53
CA ALA A 218 9.26 -9.85 27.91
C ALA A 218 9.19 -8.64 28.84
N ALA A 219 9.91 -7.59 28.49
CA ALA A 219 9.98 -6.39 29.32
C ALA A 219 8.86 -5.40 29.00
N ASP A 220 8.06 -5.72 27.98
CA ASP A 220 6.99 -4.84 27.52
C ASP A 220 5.64 -5.43 27.94
N GLU A 221 5.03 -4.85 28.97
CA GLU A 221 3.77 -5.35 29.52
C GLU A 221 2.68 -5.52 28.46
N ARG A 222 2.71 -4.71 27.41
CA ARG A 222 1.65 -4.75 26.41
C ARG A 222 1.69 -6.05 25.64
N MET A 223 2.82 -6.75 25.69
CA MET A 223 3.03 -7.95 24.87
C MET A 223 2.82 -9.27 25.65
N ALA A 224 2.31 -9.20 26.88
CA ALA A 224 1.98 -10.40 27.66
C ALA A 224 1.06 -11.32 26.87
N GLY A 225 1.46 -12.58 26.72
CA GLY A 225 0.64 -13.56 26.02
C GLY A 225 0.65 -13.46 24.51
N LYS A 226 1.46 -12.55 23.96
CA LYS A 226 1.54 -12.41 22.52
C LYS A 226 2.73 -13.18 21.97
N SER A 227 2.65 -13.58 20.70
CA SER A 227 3.73 -14.33 20.07
C SER A 227 4.74 -13.34 19.47
N PRO A 228 6.00 -13.43 19.89
CA PRO A 228 6.97 -12.42 19.42
C PRO A 228 7.30 -12.47 17.92
N GLU A 229 7.02 -13.61 17.28
CA GLU A 229 7.28 -13.74 15.85
C GLU A 229 6.15 -13.16 15.00
N CYS A 230 5.12 -12.65 15.65
CA CYS A 230 3.97 -12.10 14.93
C CYS A 230 3.84 -10.59 15.07
N LEU A 231 3.02 -10.00 14.23
CA LEU A 231 2.79 -8.58 14.23
C LEU A 231 2.11 -8.13 15.50
N PHE A 232 2.70 -7.09 16.10
CA PHE A 232 2.13 -6.38 17.24
C PHE A 232 1.70 -4.99 16.81
N MET A 233 0.50 -4.60 17.22
CA MET A 233 0.01 -3.25 16.99
C MET A 233 -0.59 -2.69 18.27
N ASP A 234 -0.15 -1.50 18.65
CA ASP A 234 -0.78 -0.76 19.74
C ASP A 234 -1.84 0.14 19.12
N GLY A 235 -3.09 -0.31 19.13
CA GLY A 235 -4.14 0.37 18.39
C GLY A 235 -4.41 1.80 18.84
N GLY A 236 -4.36 2.02 20.14
CA GLY A 236 -4.60 3.34 20.69
C GLY A 236 -3.53 4.34 20.27
N GLU A 237 -2.27 3.89 20.31
CA GLU A 237 -1.17 4.75 19.91
C GLU A 237 -1.25 5.04 18.41
N ILE A 238 -1.53 4.02 17.61
CA ILE A 238 -1.61 4.22 16.16
C ILE A 238 -2.77 5.17 15.82
N PHE A 239 -3.92 5.00 16.46
CA PHE A 239 -5.06 5.87 16.20
C PHE A 239 -4.73 7.33 16.49
N ASN A 240 -4.11 7.58 17.65
CA ASN A 240 -3.74 8.94 18.00
C ASN A 240 -2.66 9.53 17.07
N PHE A 241 -1.65 8.75 16.74
CA PHE A 241 -0.64 9.15 15.75
C PHE A 241 -1.31 9.57 14.45
N THR A 242 -2.19 8.70 13.96
CA THR A 242 -2.81 8.88 12.66
C THR A 242 -3.71 10.12 12.65
N LEU A 243 -4.56 10.27 13.67
CA LEU A 243 -5.57 11.33 13.67
C LEU A 243 -4.93 12.69 13.80
N ASN A 244 -3.69 12.71 14.29
CA ASN A 244 -2.94 13.96 14.40
C ASN A 244 -2.14 14.24 13.13
N ALA A 245 -1.34 13.27 12.69
CA ALA A 245 -0.43 13.50 11.57
C ALA A 245 -1.12 13.58 10.21
N VAL A 246 -2.12 12.73 9.98
CA VAL A 246 -2.64 12.63 8.62
C VAL A 246 -3.50 13.82 8.19
N PRO A 247 -4.36 14.37 9.07
CA PRO A 247 -5.09 15.55 8.60
C PRO A 247 -4.16 16.71 8.22
N LYS A 248 -3.08 16.89 8.96
CA LYS A 248 -2.09 17.91 8.65
C LYS A 248 -1.39 17.62 7.31
N LEU A 249 -1.09 16.35 7.07
CA LEU A 249 -0.55 15.92 5.80
C LEU A 249 -1.50 16.25 4.64
N VAL A 250 -2.78 15.96 4.83
CA VAL A 250 -3.76 16.21 3.78
C VAL A 250 -3.82 17.71 3.49
N SER A 251 -3.94 18.52 4.53
N SER A 251 -3.92 18.54 4.53
CA SER A 251 -4.04 19.96 4.37
CA SER A 251 -4.08 19.97 4.33
C SER A 251 -2.86 20.50 3.58
C SER A 251 -2.85 20.62 3.68
N ARG A 252 -1.66 20.14 4.01
CA ARG A 252 -0.45 20.70 3.39
C ARG A 252 -0.28 20.21 1.96
N THR A 253 -0.65 18.95 1.72
CA THR A 253 -0.60 18.40 0.37
C THR A 253 -1.50 19.20 -0.56
N LEU A 254 -2.71 19.46 -0.11
CA LEU A 254 -3.67 20.23 -0.90
C LEU A 254 -3.10 21.61 -1.20
N ASP A 255 -2.48 22.23 -0.20
CA ASP A 255 -1.96 23.58 -0.36
C ASP A 255 -0.85 23.64 -1.42
N ILE A 256 0.08 22.69 -1.38
CA ILE A 256 1.22 22.73 -2.32
C ILE A 256 0.89 22.27 -3.74
N ALA A 257 -0.18 21.50 -3.90
CA ALA A 257 -0.58 21.01 -5.22
C ALA A 257 -1.44 21.99 -6.02
N GLY A 258 -1.93 23.04 -5.36
CA GLY A 258 -2.55 24.17 -6.03
C GLY A 258 -3.95 23.99 -6.59
N ARG A 259 -4.62 22.91 -6.23
CA ARG A 259 -5.98 22.61 -6.70
C ARG A 259 -6.99 22.61 -5.55
N ASP A 260 -8.16 23.19 -5.83
CA ASP A 260 -9.23 23.20 -4.84
C ASP A 260 -9.66 21.79 -4.46
N LYS A 261 -9.94 21.60 -3.19
CA LYS A 261 -10.40 20.32 -2.66
C LYS A 261 -11.53 19.69 -3.49
N ASP A 262 -12.51 20.49 -3.91
CA ASP A 262 -13.67 19.95 -4.62
C ASP A 262 -13.40 19.64 -6.10
N SER A 263 -12.19 19.92 -6.57
CA SER A 263 -11.81 19.55 -7.93
C SER A 263 -11.04 18.21 -8.00
N TYR A 264 -10.79 17.57 -6.86
CA TYR A 264 -10.21 16.22 -6.86
C TYR A 264 -11.29 15.20 -7.19
N ASP A 265 -10.91 14.18 -7.93
CA ASP A 265 -11.83 13.10 -8.25
C ASP A 265 -11.87 12.05 -7.15
N ALA A 266 -10.77 11.88 -6.44
CA ALA A 266 -10.72 10.95 -5.33
C ALA A 266 -9.56 11.25 -4.41
N PHE A 267 -9.77 10.92 -3.14
CA PHE A 267 -8.74 10.94 -2.10
C PHE A 267 -8.56 9.49 -1.66
N LEU A 268 -7.41 8.92 -1.99
CA LEU A 268 -7.12 7.50 -1.81
C LEU A 268 -6.28 7.31 -0.57
N PHE A 269 -6.87 6.77 0.48
CA PHE A 269 -6.18 6.53 1.73
C PHE A 269 -5.80 5.08 1.86
N HIS A 270 -4.67 4.83 2.52
CA HIS A 270 -4.37 3.50 2.99
C HIS A 270 -5.56 2.99 3.76
N GLN A 271 -5.98 1.77 3.49
CA GLN A 271 -7.21 1.21 4.03
C GLN A 271 -6.98 0.61 5.41
N ALA A 272 -6.72 1.47 6.38
CA ALA A 272 -6.28 1.01 7.69
C ALA A 272 -7.37 0.24 8.43
N ASN A 273 -8.54 0.86 8.49
CA ASN A 273 -9.79 0.28 8.99
C ASN A 273 -10.87 1.33 8.77
N LEU A 274 -12.12 0.92 8.65
CA LEU A 274 -13.17 1.83 8.24
C LEU A 274 -13.43 2.93 9.26
N PHE A 275 -13.38 2.58 10.54
CA PHE A 275 -13.56 3.55 11.64
C PHE A 275 -12.57 4.70 11.47
N MET A 276 -11.29 4.37 11.30
CA MET A 276 -10.27 5.37 11.08
C MET A 276 -10.49 6.20 9.81
N LEU A 277 -10.86 5.55 8.72
CA LEU A 277 -11.09 6.24 7.46
C LEU A 277 -12.20 7.28 7.60
N LYS A 278 -13.26 6.91 8.30
CA LYS A 278 -14.38 7.81 8.49
C LYS A 278 -13.93 8.99 9.34
N HIS A 279 -13.18 8.73 10.40
CA HIS A 279 -12.70 9.80 11.28
C HIS A 279 -11.75 10.74 10.54
N LEU A 280 -10.85 10.19 9.71
CA LEU A 280 -9.91 11.01 8.94
C LEU A 280 -10.61 11.90 7.92
N ALA A 281 -11.53 11.34 7.17
CA ALA A 281 -12.24 12.10 6.16
C ALA A 281 -12.99 13.26 6.80
N LYS A 282 -13.64 13.02 7.94
CA LYS A 282 -14.34 14.07 8.67
C LYS A 282 -13.40 15.15 9.19
N LYS A 283 -12.27 14.74 9.76
CA LYS A 283 -11.36 15.70 10.36
C LYS A 283 -10.67 16.55 9.29
N ALA A 284 -10.41 15.95 8.12
CA ALA A 284 -9.80 16.66 6.99
C ALA A 284 -10.83 17.38 6.13
N GLY A 285 -12.10 17.33 6.53
CA GLY A 285 -13.17 17.99 5.80
C GLY A 285 -13.29 17.52 4.37
N LEU A 286 -13.13 16.22 4.17
CA LEU A 286 -13.22 15.66 2.83
C LEU A 286 -14.58 15.04 2.64
N PRO A 287 -15.13 15.21 1.44
CA PRO A 287 -16.43 14.62 1.11
C PRO A 287 -16.35 13.10 1.03
N ALA A 288 -17.13 12.41 1.85
CA ALA A 288 -17.01 10.97 2.02
C ALA A 288 -17.19 10.19 0.72
N GLU A 289 -18.06 10.67 -0.17
CA GLU A 289 -18.26 9.95 -1.43
C GLU A 289 -17.01 9.97 -2.33
N ARG A 290 -16.10 10.91 -2.07
CA ARG A 290 -14.87 10.99 -2.85
C ARG A 290 -13.68 10.34 -2.13
N VAL A 291 -13.98 9.52 -1.14
CA VAL A 291 -12.97 8.78 -0.38
C VAL A 291 -13.26 7.29 -0.58
N PRO A 292 -12.70 6.66 -1.63
CA PRO A 292 -13.05 5.28 -1.94
C PRO A 292 -12.61 4.28 -0.87
N VAL A 293 -13.39 3.22 -0.73
CA VAL A 293 -13.14 2.19 0.27
C VAL A 293 -13.36 0.83 -0.39
N ASN A 294 -12.40 -0.07 -0.21
CA ASN A 294 -12.54 -1.45 -0.68
C ASN A 294 -12.14 -2.45 0.39
N ILE A 295 -12.04 -1.99 1.64
CA ILE A 295 -11.64 -2.83 2.76
C ILE A 295 -12.67 -3.93 3.00
N GLY A 296 -13.92 -3.69 2.60
CA GLY A 296 -14.93 -4.70 2.76
C GLY A 296 -14.66 -6.02 2.04
N GLU A 297 -14.01 -5.94 0.89
CA GLU A 297 -13.76 -7.14 0.08
CA GLU A 297 -13.77 -7.12 0.08
C GLU A 297 -12.34 -7.68 0.22
N TYR A 298 -11.39 -6.83 0.65
CA TYR A 298 -9.98 -7.19 0.62
C TYR A 298 -9.28 -7.08 1.97
N GLY A 299 -9.94 -6.54 2.98
CA GLY A 299 -9.26 -6.21 4.23
C GLY A 299 -8.21 -5.15 4.01
N ASN A 300 -7.39 -4.95 5.03
CA ASN A 300 -6.24 -4.05 4.98
C ASN A 300 -5.10 -4.82 4.33
N THR A 301 -4.63 -4.36 3.16
CA THR A 301 -3.59 -5.06 2.40
C THR A 301 -2.26 -4.32 2.48
N SER A 302 -2.06 -3.59 3.57
CA SER A 302 -0.74 -3.02 3.85
C SER A 302 -0.26 -2.20 2.66
N CYS A 303 1.00 -2.25 2.27
N CYS A 303 1.02 -2.34 2.30
CA CYS A 303 1.50 -1.36 1.22
CA CYS A 303 1.67 -1.64 1.19
C CYS A 303 0.74 -1.44 -0.10
C CYS A 303 0.77 -1.49 -0.05
N ALA A 304 0.06 -2.56 -0.36
CA ALA A 304 -0.73 -2.70 -1.58
C ALA A 304 -2.04 -1.93 -1.57
N SER A 305 -2.42 -1.36 -0.43
CA SER A 305 -3.80 -0.92 -0.28
C SER A 305 -4.17 0.20 -1.26
N ILE A 306 -3.31 1.18 -1.48
CA ILE A 306 -3.64 2.25 -2.40
C ILE A 306 -3.72 1.81 -3.87
N PRO A 307 -2.69 1.11 -4.39
CA PRO A 307 -2.83 0.66 -5.78
C PRO A 307 -4.01 -0.32 -5.97
N LEU A 308 -4.31 -1.13 -4.97
CA LEU A 308 -5.46 -2.04 -5.06
C LEU A 308 -6.75 -1.23 -5.11
N LEU A 309 -6.81 -0.15 -4.34
CA LEU A 309 -7.94 0.75 -4.34
C LEU A 309 -8.11 1.38 -5.74
N ILE A 310 -7.00 1.79 -6.36
CA ILE A 310 -7.07 2.34 -7.71
C ILE A 310 -7.67 1.32 -8.66
N THR A 311 -7.17 0.08 -8.64
CA THR A 311 -7.63 -0.88 -9.64
C THR A 311 -9.06 -1.34 -9.41
N THR A 312 -9.48 -1.53 -8.18
CA THR A 312 -10.82 -2.03 -7.91
C THR A 312 -11.88 -0.93 -7.96
N GLU A 313 -11.51 0.32 -7.67
CA GLU A 313 -12.51 1.38 -7.55
C GLU A 313 -12.49 2.40 -8.69
N LEU A 314 -11.34 2.59 -9.34
CA LEU A 314 -11.21 3.66 -10.31
C LEU A 314 -10.98 3.21 -11.75
N LYS A 315 -11.04 1.90 -12.00
CA LYS A 315 -10.81 1.39 -13.37
C LYS A 315 -11.70 2.05 -14.41
N ASP A 316 -13.00 2.09 -14.15
CA ASP A 316 -13.91 2.57 -15.18
C ASP A 316 -13.76 4.09 -15.38
N ARG A 317 -13.59 4.84 -14.28
CA ARG A 317 -13.42 6.29 -14.39
C ARG A 317 -12.09 6.63 -15.11
N LEU A 318 -11.02 5.85 -14.85
CA LEU A 318 -9.72 6.11 -15.45
C LEU A 318 -9.70 5.84 -16.93
N LYS A 319 -10.59 4.96 -17.42
CA LYS A 319 -10.62 4.62 -18.82
C LYS A 319 -10.94 5.86 -19.65
N GLU A 320 -11.76 6.72 -19.08
CA GLU A 320 -12.39 7.82 -19.80
C GLU A 320 -11.75 9.19 -19.59
N GLU A 321 -11.20 9.43 -18.42
CA GLU A 321 -10.72 10.76 -18.12
C GLU A 321 -9.45 10.78 -17.32
N THR A 322 -8.77 11.90 -17.40
CA THR A 322 -7.72 12.26 -16.47
C THR A 322 -8.38 12.55 -15.12
N LEU A 323 -7.90 11.89 -14.08
CA LEU A 323 -8.38 12.08 -12.72
C LEU A 323 -7.36 12.85 -11.92
N GLN A 324 -7.83 13.80 -11.14
N GLN A 324 -7.83 13.75 -11.10
CA GLN A 324 -7.01 14.50 -10.15
CA GLN A 324 -7.00 14.48 -10.17
C GLN A 324 -7.09 13.70 -8.87
C GLN A 324 -7.07 13.78 -8.83
N LEU A 325 -5.98 13.13 -8.45
CA LEU A 325 -5.96 12.27 -7.29
C LEU A 325 -5.03 12.74 -6.19
N GLY A 326 -5.46 12.51 -4.95
CA GLY A 326 -4.60 12.62 -3.78
C GLY A 326 -4.48 11.26 -3.15
N MET A 327 -3.29 10.92 -2.67
CA MET A 327 -3.00 9.59 -2.11
C MET A 327 -2.32 9.79 -0.77
N PHE A 328 -2.76 9.06 0.26
CA PHE A 328 -2.24 9.27 1.62
C PHE A 328 -2.00 7.95 2.28
N GLY A 329 -0.73 7.67 2.56
CA GLY A 329 -0.34 6.44 3.23
C GLY A 329 0.28 6.77 4.57
N PHE A 330 0.02 5.93 5.56
CA PHE A 330 0.52 6.13 6.90
C PHE A 330 0.62 4.80 7.61
N GLY A 331 1.50 4.70 8.60
CA GLY A 331 1.65 3.48 9.37
C GLY A 331 3.07 3.25 9.85
N VAL A 332 3.39 1.98 9.76
N VAL A 332 3.41 1.99 9.69
CA VAL A 332 4.60 1.48 10.40
CA VAL A 332 4.65 1.43 10.22
C VAL A 332 5.82 2.34 10.12
C VAL A 332 5.82 2.41 10.09
N GLY A 333 6.56 2.60 11.17
CA GLY A 333 7.78 3.39 11.13
C GLY A 333 8.07 4.13 12.42
N TYR A 334 7.21 5.08 12.81
CA TYR A 334 6.12 5.60 12.00
C TYR A 334 6.58 6.27 10.72
N SER A 335 5.72 6.23 9.71
CA SER A 335 5.99 6.83 8.44
C SER A 335 4.66 7.32 7.85
N TRP A 336 4.70 8.42 7.12
CA TRP A 336 3.52 8.90 6.41
C TRP A 336 3.96 9.56 5.12
N ALA A 337 3.09 9.54 4.10
CA ALA A 337 3.49 10.05 2.80
C ALA A 337 2.27 10.34 1.95
N SER A 338 2.37 11.39 1.13
CA SER A 338 1.30 11.73 0.19
C SER A 338 1.82 11.89 -1.22
N ALA A 339 0.89 11.79 -2.17
CA ALA A 339 1.12 12.12 -3.57
C ALA A 339 -0.12 12.85 -4.07
N ALA A 340 0.08 13.87 -4.86
CA ALA A 340 -1.03 14.57 -5.50
C ALA A 340 -0.63 14.81 -6.93
N LEU A 341 -1.43 14.29 -7.86
CA LEU A 341 -1.08 14.38 -9.27
C LEU A 341 -2.29 13.98 -10.13
N ALA A 342 -2.22 14.34 -11.41
CA ALA A 342 -3.16 13.89 -12.43
C ALA A 342 -2.74 12.50 -12.93
N VAL A 343 -3.73 11.64 -13.13
CA VAL A 343 -3.52 10.29 -13.62
C VAL A 343 -4.54 9.94 -14.69
N GLY A 344 -4.08 9.43 -15.83
CA GLY A 344 -4.98 8.93 -16.85
C GLY A 344 -5.28 9.95 -17.95
N PRO A 345 -6.10 9.56 -18.92
CA PRO A 345 -6.77 8.26 -18.96
C PRO A 345 -5.82 7.08 -19.13
N LEU A 346 -6.22 5.94 -18.57
CA LEU A 346 -5.45 4.70 -18.64
C LEU A 346 -6.34 3.57 -19.08
N ASN A 347 -5.88 2.80 -20.05
CA ASN A 347 -6.57 1.57 -20.44
C ASN A 347 -6.19 0.34 -19.61
N ILE A 348 -4.97 0.31 -19.08
CA ILE A 348 -4.46 -0.85 -18.38
C ILE A 348 -4.55 -0.59 -16.88
N VAL A 349 -5.72 -0.86 -16.34
CA VAL A 349 -6.00 -0.80 -14.91
C VAL A 349 -6.84 -2.03 -14.64
N ASP A 350 -6.35 -2.98 -13.86
CA ASP A 350 -7.02 -4.28 -13.73
C ASP A 350 -6.71 -4.95 -12.42
N THR A 351 -7.59 -5.85 -12.01
CA THR A 351 -7.43 -6.66 -10.81
C THR A 351 -7.63 -8.11 -11.23
N ILE A 352 -6.62 -8.95 -11.00
CA ILE A 352 -6.66 -10.37 -11.36
C ILE A 352 -6.44 -11.19 -10.09
N GLU A 353 -6.64 -12.49 -10.18
CA GLU A 353 -6.32 -13.35 -9.07
C GLU A 353 -5.32 -14.41 -9.46
N THR A 354 -4.74 -15.06 -8.47
CA THR A 354 -3.81 -16.14 -8.71
C THR A 354 -4.51 -17.34 -9.35
O UNL B . 1.60 -2.43 7.54
CL CL C . -21.01 -6.82 11.73
C FMT D . 5.02 15.40 -17.41
O1 FMT D . 5.41 16.28 -16.66
O2 FMT D . 3.90 14.73 -17.12
H FMT D . 5.56 15.14 -18.31
#